data_8F7N
#
_entry.id   8F7N
#
_cell.length_a   184.330
_cell.length_b   184.330
_cell.length_c   113.360
_cell.angle_alpha   90.00
_cell.angle_beta   90.00
_cell.angle_gamma   90.00
#
_symmetry.space_group_name_H-M   'I 41 2 2'
#
loop_
_entity.id
_entity.type
_entity.pdbx_description
1 polymer 'Methyl-accepting chemotaxis protein'
2 non-polymer 'YTTERBIUM (III) ION'
3 water water
#
_entity_poly.entity_id   1
_entity_poly.type   'polypeptide(L)'
_entity_poly.pdbx_seq_one_letter_code
;GLLQGRMEISNSVLKTLSGFKDVYAQMNNFLQQTTDESRRMLKDAIVTQKEVLAETAAQVAGGNGEDELAAAIAATSDIE
TRIDGLWTLHEGEQKLRAETRADLERLAAEQAKINEEANRLQYAVRKDENAAKTMLRNAEKLMRASRFYAEFATEVSGAI
TVEEKLKVAEGHFPAIGRTQRDIFVLLPKGEKSLAETVNSASGAIGALIKTPPGPETLAGLSKYVDRFRTASFRLEAASV
GKMREATQIFSELDGKIAGTESVLTATRRLSTSLTDIQIAAAAFLGTTSEESRKKLLDRFLAVQSNLTTLRGIASGMSFF
DQAAGALLPIIDGMKKDGLALVEITDKRTVEFEAAGAAINEIWSDLTGFAEQQKVAAGSERAEANQ
;
_entity_poly.pdbx_strand_id   A
#
# COMPACT_ATOMS: atom_id res chain seq x y z
N SER A 10 38.00 9.78 -58.34
CA SER A 10 36.98 10.71 -57.84
C SER A 10 35.69 9.98 -57.65
N ASN A 11 35.29 9.22 -58.67
CA ASN A 11 34.07 8.44 -58.56
C ASN A 11 34.26 7.37 -57.51
N SER A 12 35.48 7.20 -57.02
CA SER A 12 35.72 6.24 -55.95
C SER A 12 35.58 6.96 -54.62
N VAL A 13 36.03 8.20 -54.53
CA VAL A 13 35.82 8.92 -53.29
C VAL A 13 34.33 9.04 -53.06
N LEU A 14 33.59 9.28 -54.14
CA LEU A 14 32.15 9.23 -54.04
C LEU A 14 31.72 7.90 -53.44
N LYS A 15 32.34 6.80 -53.91
CA LYS A 15 31.97 5.48 -53.43
C LYS A 15 32.18 5.38 -51.93
N THR A 16 33.33 5.86 -51.46
CA THR A 16 33.63 5.81 -50.03
C THR A 16 32.65 6.68 -49.25
N LEU A 17 32.58 7.97 -49.57
CA LEU A 17 31.69 8.87 -48.85
C LEU A 17 30.28 8.30 -48.79
N SER A 18 29.81 7.74 -49.91
CA SER A 18 28.46 7.16 -49.93
C SER A 18 28.40 5.90 -49.09
N GLY A 19 29.39 5.01 -49.24
CA GLY A 19 29.43 3.82 -48.41
C GLY A 19 29.55 4.14 -46.94
N PHE A 20 30.24 5.24 -46.61
CA PHE A 20 30.34 5.65 -45.24
C PHE A 20 28.97 6.00 -44.69
N LYS A 21 28.13 6.64 -45.51
CA LYS A 21 26.79 7.01 -45.06
C LYS A 21 25.99 5.79 -44.65
N ASP A 22 26.18 4.65 -45.33
CA ASP A 22 25.61 3.40 -44.85
C ASP A 22 26.05 3.12 -43.42
N VAL A 23 27.32 3.42 -43.09
CA VAL A 23 27.79 3.21 -41.73
C VAL A 23 27.13 4.21 -40.78
N TYR A 24 27.19 5.50 -41.13
CA TYR A 24 26.58 6.51 -40.28
C TYR A 24 25.21 6.07 -39.80
N ALA A 25 24.36 5.62 -40.72
CA ALA A 25 22.99 5.28 -40.38
C ALA A 25 22.95 4.17 -39.33
N GLN A 26 23.53 3.04 -39.70
CA GLN A 26 23.65 1.84 -38.89
C GLN A 26 24.08 2.16 -37.48
N MET A 27 25.19 2.87 -37.37
CA MET A 27 25.73 3.25 -36.09
C MET A 27 24.68 3.99 -35.31
N ASN A 28 24.05 4.96 -35.96
CA ASN A 28 23.02 5.71 -35.25
C ASN A 28 21.96 4.76 -34.72
N ASN A 29 21.54 3.79 -35.51
CA ASN A 29 20.54 2.83 -35.05
C ASN A 29 21.10 1.98 -33.91
N PHE A 30 22.35 1.52 -34.03
CA PHE A 30 22.93 0.75 -32.94
C PHE A 30 23.02 1.58 -31.66
N LEU A 31 22.85 2.91 -31.76
CA LEU A 31 22.97 3.79 -30.60
C LEU A 31 21.63 4.32 -30.12
N GLN A 32 20.78 4.81 -31.05
CA GLN A 32 19.38 5.18 -30.75
C GLN A 32 18.65 3.98 -30.15
N GLN A 33 18.78 2.84 -30.80
CA GLN A 33 18.31 1.53 -30.41
C GLN A 33 19.57 0.78 -30.04
N THR A 34 19.44 -0.45 -29.60
CA THR A 34 20.61 -1.30 -29.49
C THR A 34 20.18 -2.75 -29.68
N THR A 35 19.34 -2.94 -30.69
CA THR A 35 18.95 -4.27 -31.11
C THR A 35 20.16 -5.08 -31.52
N ASP A 36 20.01 -6.39 -31.41
CA ASP A 36 21.06 -7.29 -31.88
C ASP A 36 21.25 -7.16 -33.38
N GLU A 37 20.15 -7.21 -34.13
CA GLU A 37 20.24 -6.99 -35.56
C GLU A 37 20.84 -5.62 -35.87
N SER A 38 20.47 -4.61 -35.07
CA SER A 38 21.10 -3.31 -35.20
C SER A 38 22.60 -3.45 -35.26
N ARG A 39 23.17 -4.22 -34.34
CA ARG A 39 24.61 -4.43 -34.28
C ARG A 39 25.13 -5.08 -35.56
N ARG A 40 24.61 -6.26 -35.88
CA ARG A 40 25.08 -7.00 -37.06
C ARG A 40 25.06 -6.11 -38.31
N MET A 41 23.88 -5.55 -38.62
CA MET A 41 23.73 -4.48 -39.63
C MET A 41 24.93 -3.55 -39.65
N LEU A 42 25.25 -2.94 -38.50
CA LEU A 42 26.34 -1.96 -38.46
C LEU A 42 27.69 -2.65 -38.63
N LYS A 43 27.82 -3.88 -38.15
CA LYS A 43 29.09 -4.55 -38.33
C LYS A 43 29.29 -4.96 -39.77
N ASP A 44 28.22 -5.37 -40.46
CA ASP A 44 28.31 -5.62 -41.89
C ASP A 44 28.59 -4.34 -42.66
N ALA A 45 27.85 -3.29 -42.34
CA ALA A 45 28.10 -1.99 -42.96
C ALA A 45 29.57 -1.59 -42.85
N ILE A 46 30.24 -2.02 -41.78
CA ILE A 46 31.62 -1.61 -41.56
C ILE A 46 32.57 -2.40 -42.43
N VAL A 47 32.44 -3.73 -42.41
CA VAL A 47 33.34 -4.56 -43.20
C VAL A 47 33.28 -4.18 -44.67
N THR A 48 32.07 -3.97 -45.20
CA THR A 48 31.94 -3.56 -46.60
C THR A 48 32.45 -2.15 -46.82
N GLN A 49 32.48 -1.30 -45.78
CA GLN A 49 32.99 0.06 -45.94
C GLN A 49 34.50 0.09 -46.00
N LYS A 50 35.18 -0.70 -45.17
CA LYS A 50 36.63 -0.85 -45.26
C LYS A 50 37.06 -1.66 -46.48
N GLU A 51 36.11 -2.38 -47.11
CA GLU A 51 36.32 -2.88 -48.47
C GLU A 51 36.32 -1.73 -49.46
N VAL A 52 35.20 -0.98 -49.51
CA VAL A 52 35.05 0.11 -50.46
C VAL A 52 36.14 1.16 -50.25
N LEU A 53 36.41 1.48 -48.99
CA LEU A 53 37.50 2.37 -48.61
C LEU A 53 38.87 1.80 -48.90
N ALA A 54 38.96 0.50 -49.17
CA ALA A 54 40.22 -0.09 -49.60
C ALA A 54 40.44 0.09 -51.10
N GLU A 55 39.41 -0.17 -51.91
CA GLU A 55 39.53 0.09 -53.35
C GLU A 55 39.90 1.54 -53.60
N THR A 56 39.38 2.45 -52.78
CA THR A 56 39.78 3.85 -52.89
C THR A 56 41.25 4.01 -52.55
N ALA A 57 41.77 3.16 -51.66
CA ALA A 57 43.19 3.16 -51.35
C ALA A 57 44.04 3.05 -52.61
N ALA A 58 43.47 2.58 -53.72
CA ALA A 58 44.16 2.55 -55.02
C ALA A 58 44.90 3.86 -55.28
N GLN A 59 44.13 4.96 -55.34
CA GLN A 59 44.72 6.30 -55.38
C GLN A 59 45.68 6.49 -54.20
N VAL A 60 46.83 7.10 -54.50
CA VAL A 60 47.85 7.43 -53.50
C VAL A 60 48.32 8.86 -53.77
N ALA A 61 48.56 9.60 -52.68
CA ALA A 61 48.96 10.99 -52.82
C ALA A 61 49.62 11.43 -51.43
N GLY A 62 50.95 11.45 -51.45
CA GLY A 62 51.69 11.86 -50.27
C GLY A 62 52.23 10.71 -49.44
N GLY A 63 51.66 9.52 -49.58
CA GLY A 63 52.13 8.36 -48.85
C GLY A 63 52.19 8.63 -47.35
N ASN A 64 53.28 8.17 -46.73
CA ASN A 64 53.48 8.42 -45.30
C ASN A 64 53.54 9.91 -45.01
N GLY A 65 54.24 10.67 -45.87
CA GLY A 65 54.29 12.11 -45.70
C GLY A 65 52.92 12.73 -45.59
N GLU A 66 51.95 12.24 -46.36
CA GLU A 66 50.63 12.83 -46.42
C GLU A 66 49.61 11.73 -46.71
N ASP A 67 48.76 11.46 -45.73
CA ASP A 67 47.72 10.45 -45.94
C ASP A 67 46.64 10.68 -44.90
N GLU A 68 45.56 11.37 -45.28
CA GLU A 68 44.38 11.47 -44.42
C GLU A 68 43.55 10.19 -44.45
N LEU A 69 43.45 9.52 -45.55
CA LEU A 69 42.53 8.40 -45.52
C LEU A 69 43.02 7.29 -44.53
N ALA A 70 44.34 7.05 -44.35
CA ALA A 70 44.87 6.43 -43.12
C ALA A 70 43.99 6.73 -41.93
N ALA A 71 43.61 8.01 -41.72
CA ALA A 71 42.82 8.34 -40.54
C ALA A 71 41.49 7.60 -40.52
N ALA A 72 40.76 7.64 -41.64
CA ALA A 72 39.48 6.96 -41.71
C ALA A 72 39.64 5.45 -41.55
N ILE A 73 40.45 4.82 -42.40
CA ILE A 73 40.61 3.36 -42.32
C ILE A 73 41.08 2.96 -40.93
N ALA A 74 41.95 3.77 -40.34
CA ALA A 74 42.32 3.58 -38.95
C ALA A 74 41.10 3.68 -38.05
N ALA A 75 40.41 4.82 -38.11
CA ALA A 75 39.13 4.92 -37.42
C ALA A 75 38.30 3.67 -37.63
N THR A 76 37.76 3.48 -38.85
CA THR A 76 36.84 2.37 -39.09
C THR A 76 37.31 1.10 -38.38
N SER A 77 38.60 0.79 -38.48
CA SER A 77 39.13 -0.36 -37.75
C SER A 77 38.89 -0.20 -36.27
N ASP A 78 39.21 0.98 -35.72
CA ASP A 78 39.08 1.20 -34.27
C ASP A 78 37.62 1.04 -33.83
N ILE A 79 36.70 1.71 -34.51
CA ILE A 79 35.32 1.65 -34.09
C ILE A 79 34.81 0.22 -34.11
N GLU A 80 35.04 -0.50 -35.22
CA GLU A 80 34.58 -1.88 -35.32
C GLU A 80 34.96 -2.70 -34.09
N THR A 81 36.09 -2.41 -33.45
CA THR A 81 36.51 -3.19 -32.30
C THR A 81 35.59 -2.98 -31.09
N ARG A 82 34.98 -1.82 -30.98
CA ARG A 82 34.25 -1.42 -29.79
C ARG A 82 32.79 -1.80 -29.83
N ILE A 83 32.28 -2.17 -31.01
CA ILE A 83 30.86 -2.44 -31.18
C ILE A 83 30.38 -3.41 -30.12
N ASP A 84 31.00 -4.59 -30.07
CA ASP A 84 30.51 -5.66 -29.21
C ASP A 84 30.55 -5.25 -27.74
N GLY A 85 31.59 -4.52 -27.33
CA GLY A 85 31.66 -4.08 -25.94
C GLY A 85 30.60 -3.06 -25.63
N LEU A 86 30.27 -2.21 -26.61
CA LEU A 86 29.18 -1.27 -26.39
C LEU A 86 27.85 -2.00 -26.33
N TRP A 87 27.73 -3.17 -26.98
CA TRP A 87 26.48 -3.92 -26.89
C TRP A 87 26.35 -4.60 -25.54
N THR A 88 27.41 -5.26 -25.07
CA THR A 88 27.32 -5.88 -23.75
C THR A 88 27.04 -4.83 -22.68
N LEU A 89 27.55 -3.61 -22.86
CA LEU A 89 27.23 -2.54 -21.93
C LEU A 89 25.74 -2.27 -21.90
N HIS A 90 25.14 -2.05 -23.06
CA HIS A 90 23.71 -1.89 -23.12
C HIS A 90 23.02 -3.17 -22.70
N GLU A 91 23.50 -4.32 -23.18
CA GLU A 91 22.85 -5.57 -22.82
C GLU A 91 22.87 -5.79 -21.31
N GLY A 92 23.89 -5.26 -20.63
CA GLY A 92 24.04 -5.44 -19.21
C GLY A 92 23.20 -4.46 -18.43
N GLU A 93 23.14 -3.22 -18.91
CA GLU A 93 22.25 -2.23 -18.31
C GLU A 93 20.80 -2.70 -18.36
N GLN A 94 20.39 -3.29 -19.47
CA GLN A 94 19.01 -3.73 -19.55
C GLN A 94 18.76 -4.88 -18.59
N LYS A 95 19.74 -5.73 -18.35
CA LYS A 95 19.56 -6.84 -17.42
C LYS A 95 19.37 -6.34 -15.99
N LEU A 96 20.11 -5.29 -15.61
CA LEU A 96 19.93 -4.69 -14.30
C LEU A 96 18.55 -4.04 -14.18
N ARG A 97 18.08 -3.37 -15.23
CA ARG A 97 16.76 -2.76 -15.18
C ARG A 97 15.68 -3.83 -15.16
N ALA A 98 15.89 -4.93 -15.90
CA ALA A 98 14.93 -6.02 -15.81
C ALA A 98 14.86 -6.54 -14.37
N GLU A 99 16.01 -6.67 -13.71
CA GLU A 99 15.96 -7.24 -12.37
C GLU A 99 15.33 -6.26 -11.40
N THR A 100 15.66 -4.98 -11.51
CA THR A 100 15.03 -4.00 -10.65
C THR A 100 13.50 -4.11 -10.74
N ARG A 101 12.97 -4.20 -11.95
CA ARG A 101 11.53 -4.37 -12.10
C ARG A 101 11.08 -5.68 -11.48
N ALA A 102 11.85 -6.74 -11.68
CA ALA A 102 11.46 -8.01 -11.10
C ALA A 102 11.43 -7.93 -9.58
N ASP A 103 12.39 -7.25 -8.96
CA ASP A 103 12.45 -7.22 -7.51
C ASP A 103 11.33 -6.33 -6.97
N LEU A 104 10.97 -5.26 -7.70
CA LEU A 104 9.84 -4.45 -7.28
C LEU A 104 8.56 -5.25 -7.35
N GLU A 105 8.47 -6.21 -8.26
CA GLU A 105 7.31 -7.09 -8.25
C GLU A 105 7.37 -7.97 -7.01
N ARG A 106 8.54 -8.51 -6.70
CA ARG A 106 8.73 -9.27 -5.47
C ARG A 106 8.27 -8.46 -4.26
N LEU A 107 8.71 -7.22 -4.15
CA LEU A 107 8.31 -6.40 -3.01
C LEU A 107 6.80 -6.17 -3.00
N ALA A 108 6.24 -5.72 -4.12
CA ALA A 108 4.79 -5.59 -4.22
C ALA A 108 4.09 -6.85 -3.73
N ALA A 109 4.54 -8.03 -4.15
CA ALA A 109 3.88 -9.24 -3.68
C ALA A 109 3.90 -9.31 -2.17
N GLU A 110 5.05 -9.02 -1.56
CA GLU A 110 5.15 -9.03 -0.10
C GLU A 110 4.24 -7.97 0.52
N GLN A 111 4.31 -6.73 0.04
CA GLN A 111 3.42 -5.70 0.55
C GLN A 111 1.98 -6.19 0.58
N ALA A 112 1.58 -6.99 -0.39
CA ALA A 112 0.21 -7.52 -0.41
C ALA A 112 -0.05 -8.38 0.81
N LYS A 113 0.80 -9.37 1.05
CA LYS A 113 0.66 -10.19 2.23
C LYS A 113 0.65 -9.33 3.49
N ILE A 114 1.51 -8.29 3.52
CA ILE A 114 1.55 -7.40 4.66
C ILE A 114 0.17 -6.79 4.89
N ASN A 115 -0.40 -6.28 3.80
CA ASN A 115 -1.72 -5.65 3.86
C ASN A 115 -2.81 -6.64 4.28
N GLU A 116 -2.86 -7.82 3.65
CA GLU A 116 -3.77 -8.85 4.14
C GLU A 116 -3.62 -9.01 5.66
N GLU A 117 -2.37 -9.08 6.15
CA GLU A 117 -2.18 -9.28 7.58
C GLU A 117 -2.67 -8.09 8.39
N ALA A 118 -2.43 -6.88 7.92
CA ALA A 118 -2.92 -5.71 8.64
C ALA A 118 -4.44 -5.79 8.77
N ASN A 119 -5.08 -6.25 7.72
CA ASN A 119 -6.53 -6.41 7.72
C ASN A 119 -6.94 -7.46 8.72
N ARG A 120 -6.30 -8.62 8.68
CA ARG A 120 -6.53 -9.65 9.67
C ARG A 120 -6.44 -9.07 11.07
N LEU A 121 -5.41 -8.27 11.30
CA LEU A 121 -5.17 -7.75 12.65
C LEU A 121 -6.23 -6.71 13.04
N GLN A 122 -6.60 -5.86 12.09
CA GLN A 122 -7.67 -4.89 12.33
C GLN A 122 -8.96 -5.61 12.72
N TYR A 123 -9.30 -6.66 11.98
CA TYR A 123 -10.48 -7.44 12.28
C TYR A 123 -10.39 -7.99 13.71
N ALA A 124 -9.23 -8.55 14.05
CA ALA A 124 -9.08 -9.20 15.33
C ALA A 124 -9.20 -8.21 16.48
N VAL A 125 -8.68 -6.99 16.30
CA VAL A 125 -8.86 -5.97 17.32
C VAL A 125 -10.34 -5.69 17.51
N ARG A 126 -11.02 -5.34 16.41
CA ARG A 126 -12.43 -4.97 16.47
C ARG A 126 -13.25 -6.05 17.15
N LYS A 127 -13.06 -7.31 16.74
CA LYS A 127 -13.75 -8.41 17.38
C LYS A 127 -13.52 -8.41 18.89
N ASP A 128 -12.27 -8.26 19.32
CA ASP A 128 -11.97 -8.26 20.75
C ASP A 128 -12.51 -6.99 21.42
N GLU A 129 -12.26 -5.83 20.83
CA GLU A 129 -12.79 -4.57 21.35
C GLU A 129 -14.31 -4.59 21.47
N ASN A 130 -14.99 -5.52 20.79
CA ASN A 130 -16.45 -5.53 20.70
C ASN A 130 -17.09 -6.39 21.78
N ALA A 131 -16.33 -7.28 22.38
CA ALA A 131 -16.83 -8.05 23.50
C ALA A 131 -17.27 -7.14 24.63
N ALA A 132 -16.42 -6.20 25.03
CA ALA A 132 -16.80 -5.30 26.11
C ALA A 132 -17.78 -4.26 25.62
N LYS A 133 -17.65 -3.83 24.36
CA LYS A 133 -18.59 -2.87 23.82
C LYS A 133 -20.00 -3.40 23.94
N THR A 134 -20.23 -4.64 23.51
CA THR A 134 -21.55 -5.23 23.65
C THR A 134 -21.99 -5.25 25.12
N MET A 135 -21.13 -5.78 25.99
CA MET A 135 -21.45 -5.82 27.42
C MET A 135 -21.91 -4.46 27.91
N LEU A 136 -21.19 -3.41 27.53
CA LEU A 136 -21.55 -2.06 27.94
C LEU A 136 -22.78 -1.52 27.22
N ARG A 137 -23.02 -1.94 25.98
CA ARG A 137 -24.26 -1.53 25.35
C ARG A 137 -25.43 -2.08 26.14
N ASN A 138 -25.35 -3.36 26.52
CA ASN A 138 -26.41 -3.99 27.29
C ASN A 138 -26.54 -3.38 28.68
N ALA A 139 -25.43 -3.13 29.35
CA ALA A 139 -25.48 -2.41 30.61
C ALA A 139 -26.26 -1.12 30.49
N GLU A 140 -26.09 -0.39 29.39
CA GLU A 140 -26.81 0.87 29.31
C GLU A 140 -28.29 0.63 29.04
N LYS A 141 -28.61 -0.37 28.23
CA LYS A 141 -30.00 -0.68 27.98
C LYS A 141 -30.77 -0.85 29.28
N LEU A 142 -30.29 -1.78 30.13
CA LEU A 142 -30.95 -2.01 31.41
C LEU A 142 -30.97 -0.75 32.25
N MET A 143 -29.90 0.05 32.23
CA MET A 143 -29.93 1.26 33.04
C MET A 143 -30.90 2.29 32.47
N ARG A 144 -31.11 2.28 31.14
CA ARG A 144 -32.13 3.14 30.56
C ARG A 144 -33.51 2.64 30.95
N ALA A 145 -33.69 1.32 30.95
CA ALA A 145 -34.94 0.73 31.39
C ALA A 145 -35.17 1.06 32.86
N SER A 146 -34.18 0.77 33.71
CA SER A 146 -34.32 1.18 35.10
C SER A 146 -34.74 2.63 35.18
N ARG A 147 -34.06 3.51 34.45
CA ARG A 147 -34.33 4.94 34.62
C ARG A 147 -35.73 5.28 34.14
N PHE A 148 -36.19 4.57 33.11
CA PHE A 148 -37.49 4.86 32.52
C PHE A 148 -38.59 4.50 33.50
N TYR A 149 -38.67 3.23 33.88
CA TYR A 149 -39.65 2.75 34.84
C TYR A 149 -39.69 3.67 36.07
N ALA A 150 -38.53 4.07 36.56
CA ALA A 150 -38.50 5.06 37.63
C ALA A 150 -39.20 6.36 37.22
N GLU A 151 -38.87 6.93 36.04
CA GLU A 151 -39.53 8.20 35.64
C GLU A 151 -41.03 8.02 35.62
N PHE A 152 -41.48 6.87 35.15
CA PHE A 152 -42.90 6.61 35.06
C PHE A 152 -43.54 6.60 36.45
N ALA A 153 -43.00 5.78 37.35
CA ALA A 153 -43.53 5.71 38.71
C ALA A 153 -43.51 7.09 39.35
N THR A 154 -42.48 7.87 39.09
CA THR A 154 -42.40 9.16 39.76
C THR A 154 -43.45 10.11 39.24
N GLU A 155 -43.59 10.18 37.92
CA GLU A 155 -44.39 11.24 37.32
C GLU A 155 -45.84 10.88 37.35
N VAL A 156 -46.14 9.61 37.15
CA VAL A 156 -47.53 9.15 37.29
C VAL A 156 -47.95 9.28 38.75
N SER A 157 -47.27 8.55 39.65
CA SER A 157 -47.63 8.61 41.07
C SER A 157 -47.61 10.02 41.60
N GLY A 158 -46.84 10.92 41.00
CA GLY A 158 -46.89 12.31 41.41
C GLY A 158 -48.10 13.05 40.91
N ALA A 159 -48.79 12.50 39.91
CA ALA A 159 -50.01 13.13 39.39
C ALA A 159 -51.16 12.81 40.33
N ILE A 160 -52.04 13.78 40.53
CA ILE A 160 -52.99 13.63 41.62
C ILE A 160 -54.27 12.98 41.14
N THR A 161 -54.85 13.54 40.10
CA THR A 161 -56.11 13.04 39.54
C THR A 161 -55.86 11.92 38.55
N VAL A 162 -56.91 11.15 38.29
CA VAL A 162 -56.80 10.13 37.27
C VAL A 162 -56.59 10.74 35.89
N GLU A 163 -57.26 11.87 35.61
CA GLU A 163 -57.07 12.52 34.32
C GLU A 163 -55.59 12.71 34.05
N GLU A 164 -54.89 13.41 34.95
CA GLU A 164 -53.49 13.66 34.71
C GLU A 164 -52.64 12.41 34.91
N LYS A 165 -53.02 11.48 35.78
CA LYS A 165 -52.30 10.21 35.83
C LYS A 165 -52.36 9.50 34.49
N LEU A 166 -53.54 9.48 33.85
CA LEU A 166 -53.68 8.89 32.51
C LEU A 166 -52.90 9.68 31.49
N LYS A 167 -53.00 11.02 31.54
CA LYS A 167 -52.22 11.87 30.66
C LYS A 167 -50.77 11.46 30.71
N VAL A 168 -50.20 11.44 31.93
CA VAL A 168 -48.78 11.17 32.10
C VAL A 168 -48.44 9.79 31.55
N ALA A 169 -49.30 8.81 31.82
CA ALA A 169 -49.03 7.47 31.34
C ALA A 169 -48.94 7.45 29.83
N GLU A 170 -49.90 8.12 29.18
CA GLU A 170 -49.92 8.22 27.71
C GLU A 170 -48.57 8.66 27.17
N GLY A 171 -48.12 9.86 27.57
CA GLY A 171 -46.82 10.36 27.16
C GLY A 171 -45.73 9.30 27.20
N HIS A 172 -45.76 8.44 28.21
CA HIS A 172 -44.72 7.46 28.41
C HIS A 172 -45.03 6.12 27.79
N PHE A 173 -46.15 5.99 27.07
CA PHE A 173 -46.66 4.69 26.67
C PHE A 173 -45.86 4.08 25.52
N PRO A 174 -45.46 4.90 24.54
CA PRO A 174 -44.52 4.39 23.54
C PRO A 174 -43.31 3.75 24.19
N ALA A 175 -42.66 4.45 25.11
CA ALA A 175 -41.42 3.95 25.68
C ALA A 175 -41.59 2.57 26.32
N ILE A 176 -42.82 2.21 26.71
CA ILE A 176 -43.01 1.00 27.49
C ILE A 176 -42.72 -0.23 26.65
N GLY A 177 -43.13 -0.21 25.38
CA GLY A 177 -42.87 -1.31 24.48
C GLY A 177 -41.47 -1.21 23.93
N ARG A 178 -41.07 -0.01 23.53
CA ARG A 178 -39.68 0.18 23.16
C ARG A 178 -38.78 -0.48 24.20
N THR A 179 -38.93 -0.07 25.47
CA THR A 179 -38.12 -0.63 26.55
C THR A 179 -38.21 -2.15 26.59
N GLN A 180 -39.41 -2.70 26.43
CA GLN A 180 -39.55 -4.14 26.48
C GLN A 180 -38.72 -4.81 25.38
N ARG A 181 -38.81 -4.30 24.16
CA ARG A 181 -38.08 -4.93 23.07
C ARG A 181 -36.58 -4.78 23.26
N ASP A 182 -36.16 -3.63 23.77
CA ASP A 182 -34.74 -3.33 23.96
C ASP A 182 -34.10 -4.25 24.98
N ILE A 183 -34.83 -4.64 26.01
CA ILE A 183 -34.28 -5.37 27.14
C ILE A 183 -34.78 -6.80 27.22
N PHE A 184 -35.77 -7.16 26.43
CA PHE A 184 -36.34 -8.49 26.54
C PHE A 184 -35.26 -9.56 26.73
N VAL A 185 -34.39 -9.71 25.72
CA VAL A 185 -33.38 -10.79 25.75
C VAL A 185 -32.42 -10.64 26.93
N LEU A 186 -32.13 -9.40 27.34
CA LEU A 186 -31.27 -9.14 28.49
C LEU A 186 -31.92 -9.46 29.82
N LEU A 187 -33.17 -9.94 29.85
CA LEU A 187 -33.87 -10.04 31.13
C LEU A 187 -33.33 -11.23 31.92
N PRO A 188 -32.90 -11.03 33.17
CA PRO A 188 -32.48 -12.17 33.99
C PRO A 188 -33.55 -13.25 34.01
N LYS A 189 -33.19 -14.44 33.52
CA LYS A 189 -34.16 -15.53 33.45
C LYS A 189 -34.61 -15.99 34.84
N GLY A 190 -33.76 -15.83 35.86
CA GLY A 190 -34.18 -16.19 37.20
C GLY A 190 -35.40 -15.41 37.66
N GLU A 191 -35.46 -14.12 37.33
CA GLU A 191 -36.64 -13.31 37.62
C GLU A 191 -37.78 -13.70 36.69
N LYS A 192 -39.01 -13.57 37.21
CA LYS A 192 -40.19 -14.08 36.55
C LYS A 192 -41.33 -13.07 36.68
N SER A 193 -41.43 -12.45 37.85
CA SER A 193 -42.33 -11.31 38.00
C SER A 193 -41.83 -10.12 37.17
N LEU A 194 -40.53 -9.83 37.27
CA LEU A 194 -39.92 -8.81 36.43
C LEU A 194 -40.27 -9.02 34.98
N ALA A 195 -40.05 -10.24 34.48
CA ALA A 195 -40.51 -10.59 33.14
C ALA A 195 -41.95 -10.12 32.94
N GLU A 196 -42.85 -10.63 33.79
CA GLU A 196 -44.27 -10.26 33.71
C GLU A 196 -44.44 -8.76 33.56
N THR A 197 -43.79 -7.98 34.44
CA THR A 197 -43.98 -6.54 34.40
C THR A 197 -43.60 -5.95 33.04
N VAL A 198 -42.37 -6.20 32.57
CA VAL A 198 -41.87 -5.48 31.40
C VAL A 198 -42.71 -5.80 30.17
N ASN A 199 -43.14 -7.06 30.04
CA ASN A 199 -43.89 -7.48 28.86
C ASN A 199 -45.37 -7.14 28.98
N SER A 200 -45.99 -7.52 30.10
CA SER A 200 -47.39 -7.18 30.31
C SER A 200 -47.61 -5.67 30.33
N ALA A 201 -46.56 -4.89 30.58
CA ALA A 201 -46.76 -3.48 30.91
C ALA A 201 -47.52 -2.77 29.81
N SER A 202 -47.02 -2.83 28.57
CA SER A 202 -47.61 -2.01 27.50
C SER A 202 -49.09 -2.27 27.36
N GLY A 203 -49.48 -3.55 27.35
CA GLY A 203 -50.88 -3.88 27.21
C GLY A 203 -51.72 -3.32 28.33
N ALA A 204 -51.33 -3.62 29.56
CA ALA A 204 -52.09 -3.15 30.72
C ALA A 204 -52.21 -1.63 30.68
N ILE A 205 -51.07 -0.95 30.78
CA ILE A 205 -51.10 0.51 30.83
C ILE A 205 -51.85 1.07 29.63
N GLY A 206 -51.60 0.54 28.43
CA GLY A 206 -52.32 1.00 27.26
C GLY A 206 -53.82 0.93 27.46
N ALA A 207 -54.29 -0.28 27.77
CA ALA A 207 -55.69 -0.49 28.07
C ALA A 207 -56.23 0.55 29.06
N LEU A 208 -55.57 0.69 30.21
CA LEU A 208 -56.02 1.67 31.19
C LEU A 208 -56.17 3.04 30.55
N ILE A 209 -55.26 3.38 29.64
CA ILE A 209 -55.33 4.69 29.00
C ILE A 209 -56.57 4.79 28.11
N LYS A 210 -56.85 3.74 27.34
CA LYS A 210 -57.99 3.78 26.42
C LYS A 210 -59.30 3.71 27.20
N THR A 211 -59.45 2.71 28.06
CA THR A 211 -60.57 2.55 28.97
C THR A 211 -60.93 3.88 29.66
N PRO A 212 -62.23 4.21 29.78
CA PRO A 212 -62.57 5.50 30.30
C PRO A 212 -62.37 5.54 31.81
N PRO A 213 -61.90 6.69 32.33
CA PRO A 213 -61.70 6.79 33.79
C PRO A 213 -62.81 6.06 34.51
N GLY A 214 -62.48 5.15 35.42
CA GLY A 214 -63.50 4.44 36.15
C GLY A 214 -63.07 4.01 37.52
N PRO A 215 -63.88 3.15 38.14
CA PRO A 215 -63.44 2.50 39.38
C PRO A 215 -62.25 1.60 39.06
N GLU A 216 -61.28 1.61 39.95
CA GLU A 216 -60.10 0.75 39.87
C GLU A 216 -59.13 1.11 38.75
N THR A 217 -59.46 2.07 37.89
CA THR A 217 -58.44 2.54 36.94
C THR A 217 -57.20 3.05 37.68
N LEU A 218 -57.40 3.75 38.81
CA LEU A 218 -56.30 4.26 39.61
C LEU A 218 -55.65 3.18 40.44
N ALA A 219 -56.43 2.21 40.90
CA ALA A 219 -55.86 1.02 41.50
C ALA A 219 -54.88 0.36 40.53
N GLY A 220 -55.33 0.08 39.32
CA GLY A 220 -54.46 -0.56 38.35
C GLY A 220 -53.21 0.26 38.06
N LEU A 221 -53.39 1.56 37.83
CA LEU A 221 -52.25 2.46 37.72
C LEU A 221 -51.32 2.31 38.91
N SER A 222 -51.88 2.46 40.12
CA SER A 222 -51.01 2.37 41.29
C SER A 222 -50.30 1.05 41.37
N LYS A 223 -50.93 -0.02 40.89
CA LYS A 223 -50.27 -1.32 40.92
C LYS A 223 -49.04 -1.30 40.02
N TYR A 224 -49.18 -0.80 38.80
CA TYR A 224 -48.04 -0.77 37.89
C TYR A 224 -47.04 0.30 38.28
N VAL A 225 -47.49 1.42 38.87
CA VAL A 225 -46.52 2.38 39.41
C VAL A 225 -45.61 1.67 40.41
N ASP A 226 -46.16 0.72 41.16
CA ASP A 226 -45.37 -0.02 42.12
C ASP A 226 -44.58 -1.17 41.48
N ARG A 227 -45.14 -1.84 40.48
CA ARG A 227 -44.37 -2.86 39.79
C ARG A 227 -43.19 -2.25 39.03
N PHE A 228 -43.33 -0.98 38.62
CA PHE A 228 -42.25 -0.29 37.92
C PHE A 228 -41.11 0.06 38.85
N ARG A 229 -41.42 0.52 40.08
CA ARG A 229 -40.36 0.84 41.02
C ARG A 229 -39.54 -0.40 41.36
N THR A 230 -40.23 -1.49 41.68
CA THR A 230 -39.54 -2.76 41.87
C THR A 230 -38.66 -3.09 40.68
N ALA A 231 -39.23 -3.09 39.47
CA ALA A 231 -38.46 -3.40 38.27
C ALA A 231 -37.26 -2.48 38.12
N SER A 232 -37.47 -1.19 38.38
CA SER A 232 -36.41 -0.20 38.26
C SER A 232 -35.19 -0.62 39.06
N PHE A 233 -35.38 -0.94 40.36
CA PHE A 233 -34.25 -1.32 41.19
C PHE A 233 -33.61 -2.62 40.69
N ARG A 234 -34.44 -3.59 40.28
CA ARG A 234 -33.87 -4.82 39.75
C ARG A 234 -33.05 -4.56 38.50
N LEU A 235 -33.62 -3.86 37.52
CA LEU A 235 -32.89 -3.56 36.30
C LEU A 235 -31.61 -2.79 36.59
N GLU A 236 -31.64 -1.87 37.56
CA GLU A 236 -30.40 -1.20 37.93
C GLU A 236 -29.35 -2.21 38.38
N ALA A 237 -29.74 -3.14 39.23
CA ALA A 237 -28.81 -4.18 39.63
C ALA A 237 -28.34 -4.98 38.42
N ALA A 238 -29.26 -5.40 37.54
CA ALA A 238 -28.84 -6.17 36.38
C ALA A 238 -27.81 -5.38 35.57
N SER A 239 -28.09 -4.10 35.35
CA SER A 239 -27.16 -3.25 34.63
C SER A 239 -25.77 -3.34 35.24
N VAL A 240 -25.68 -3.14 36.56
CA VAL A 240 -24.38 -3.21 37.25
C VAL A 240 -23.78 -4.61 37.13
N GLY A 241 -24.62 -5.65 37.12
CA GLY A 241 -24.13 -6.94 36.70
C GLY A 241 -23.39 -6.86 35.37
N LYS A 242 -24.05 -6.36 34.32
CA LYS A 242 -23.40 -6.30 33.01
C LYS A 242 -22.13 -5.47 33.08
N MET A 243 -22.19 -4.34 33.77
CA MET A 243 -21.01 -3.52 33.90
C MET A 243 -19.85 -4.34 34.48
N ARG A 244 -20.11 -5.08 35.56
CA ARG A 244 -19.02 -5.83 36.18
C ARG A 244 -18.42 -6.76 35.16
N GLU A 245 -19.27 -7.47 34.43
CA GLU A 245 -18.81 -8.27 33.31
C GLU A 245 -17.92 -7.46 32.40
N ALA A 246 -18.41 -6.34 31.91
CA ALA A 246 -17.65 -5.58 30.94
C ALA A 246 -16.27 -5.27 31.46
N THR A 247 -16.17 -4.97 32.76
CA THR A 247 -14.86 -4.61 33.29
C THR A 247 -13.93 -5.82 33.34
N GLN A 248 -14.43 -6.97 33.80
CA GLN A 248 -13.62 -8.19 33.76
C GLN A 248 -13.19 -8.50 32.33
N ILE A 249 -14.10 -8.41 31.37
CA ILE A 249 -13.75 -8.89 30.03
C ILE A 249 -12.79 -7.90 29.36
N PHE A 250 -13.05 -6.61 29.49
CA PHE A 250 -12.03 -5.66 29.07
C PHE A 250 -10.68 -5.97 29.72
N SER A 251 -10.62 -5.93 31.05
CA SER A 251 -9.34 -6.04 31.71
C SER A 251 -8.58 -7.27 31.24
N GLU A 252 -9.31 -8.28 30.76
CA GLU A 252 -8.68 -9.54 30.39
C GLU A 252 -8.30 -9.63 28.93
N LEU A 253 -8.71 -8.66 28.13
CA LEU A 253 -8.41 -8.55 26.71
C LEU A 253 -7.53 -7.36 26.43
N ASP A 254 -7.53 -6.40 27.32
CA ASP A 254 -6.83 -5.14 27.11
C ASP A 254 -5.38 -5.30 26.68
N GLY A 255 -4.64 -6.20 27.32
CA GLY A 255 -3.30 -6.49 26.87
C GLY A 255 -3.29 -6.95 25.39
N LYS A 256 -4.02 -8.03 25.13
CA LYS A 256 -4.11 -8.49 23.73
C LYS A 256 -4.41 -7.34 22.77
N ILE A 257 -5.40 -6.50 23.10
CA ILE A 257 -5.79 -5.45 22.17
C ILE A 257 -4.66 -4.43 22.03
N ALA A 258 -4.17 -3.90 23.15
CA ALA A 258 -3.06 -2.96 23.07
C ALA A 258 -1.95 -3.53 22.20
N GLY A 259 -1.60 -4.80 22.44
CA GLY A 259 -0.50 -5.39 21.71
C GLY A 259 -0.76 -5.47 20.22
N THR A 260 -2.02 -5.70 19.85
CA THR A 260 -2.32 -5.85 18.44
C THR A 260 -2.38 -4.48 17.76
N GLU A 261 -2.99 -3.50 18.39
CA GLU A 261 -2.95 -2.14 17.86
C GLU A 261 -1.51 -1.70 17.67
N SER A 262 -0.59 -2.19 18.49
CA SER A 262 0.78 -1.74 18.28
C SER A 262 1.39 -2.45 17.08
N VAL A 263 1.13 -3.74 16.94
CA VAL A 263 1.58 -4.46 15.75
C VAL A 263 0.95 -3.88 14.51
N LEU A 264 -0.38 -3.73 14.53
CA LEU A 264 -1.08 -3.26 13.35
C LEU A 264 -0.58 -1.90 12.93
N THR A 265 -0.30 -1.03 13.89
CA THR A 265 0.25 0.27 13.55
C THR A 265 1.58 0.11 12.84
N ALA A 266 2.45 -0.73 13.40
CA ALA A 266 3.75 -0.98 12.82
C ALA A 266 3.66 -1.67 11.46
N THR A 267 2.65 -2.51 11.27
CA THR A 267 2.45 -3.12 9.95
C THR A 267 2.05 -2.05 8.93
N ARG A 268 1.11 -1.20 9.29
CA ARG A 268 0.73 -0.15 8.37
C ARG A 268 1.91 0.75 8.04
N ARG A 269 2.74 1.04 9.05
CA ARG A 269 3.92 1.85 8.84
C ARG A 269 4.83 1.22 7.80
N LEU A 270 5.14 -0.05 7.99
CA LEU A 270 5.94 -0.81 7.05
C LEU A 270 5.32 -0.76 5.65
N SER A 271 4.07 -1.15 5.53
CA SER A 271 3.46 -1.15 4.22
C SER A 271 3.59 0.20 3.54
N THR A 272 3.60 1.27 4.33
CA THR A 272 3.73 2.60 3.75
C THR A 272 5.12 2.78 3.18
N SER A 273 6.14 2.35 3.94
CA SER A 273 7.49 2.50 3.44
C SER A 273 7.72 1.63 2.23
N LEU A 274 7.02 0.49 2.16
CA LEU A 274 7.14 -0.35 0.98
C LEU A 274 6.61 0.38 -0.24
N THR A 275 5.54 1.15 -0.05
CA THR A 275 5.04 1.94 -1.16
C THR A 275 6.02 3.05 -1.48
N ASP A 276 6.71 3.57 -0.48
CA ASP A 276 7.67 4.66 -0.74
C ASP A 276 8.82 4.15 -1.60
N ILE A 277 9.17 2.89 -1.39
CA ILE A 277 10.17 2.27 -2.23
C ILE A 277 9.66 2.25 -3.65
N GLN A 278 8.45 1.71 -3.84
CA GLN A 278 7.95 1.53 -5.21
C GLN A 278 7.98 2.86 -5.95
N ILE A 279 7.69 3.92 -5.22
CA ILE A 279 7.72 5.24 -5.84
C ILE A 279 9.14 5.64 -6.13
N ALA A 280 10.01 5.62 -5.13
CA ALA A 280 11.38 6.04 -5.36
C ALA A 280 12.05 5.19 -6.44
N ALA A 281 11.82 3.87 -6.41
CA ALA A 281 12.40 3.00 -7.43
C ALA A 281 11.97 3.45 -8.81
N ALA A 282 10.68 3.76 -8.97
CA ALA A 282 10.21 4.23 -10.27
C ALA A 282 10.99 5.46 -10.73
N ALA A 283 11.17 6.44 -9.84
CA ALA A 283 11.95 7.62 -10.21
C ALA A 283 13.38 7.21 -10.56
N PHE A 284 13.96 6.31 -9.78
CA PHE A 284 15.27 5.80 -10.10
C PHE A 284 15.31 5.23 -11.51
N LEU A 285 14.45 4.27 -11.78
CA LEU A 285 14.46 3.61 -13.08
C LEU A 285 14.24 4.60 -14.21
N GLY A 286 13.38 5.58 -13.98
CA GLY A 286 13.08 6.59 -14.97
C GLY A 286 14.04 7.73 -15.02
N THR A 287 14.91 7.88 -14.02
CA THR A 287 16.06 8.79 -14.15
C THR A 287 17.22 8.19 -13.32
N THR A 288 18.06 7.40 -13.97
CA THR A 288 18.98 6.51 -13.26
C THR A 288 20.32 7.18 -12.93
N SER A 289 20.23 8.27 -12.17
CA SER A 289 21.40 8.93 -11.63
C SER A 289 21.74 8.36 -10.24
N GLU A 290 22.94 8.71 -9.77
CA GLU A 290 23.28 8.41 -8.38
C GLU A 290 22.33 9.13 -7.44
N GLU A 291 21.94 10.34 -7.78
CA GLU A 291 20.96 11.08 -6.97
C GLU A 291 19.77 10.19 -6.66
N SER A 292 19.07 9.74 -7.71
CA SER A 292 17.88 8.92 -7.49
C SER A 292 18.22 7.62 -6.77
N ARG A 293 19.42 7.09 -7.01
CA ARG A 293 19.85 5.89 -6.30
C ARG A 293 19.83 6.12 -4.80
N LYS A 294 20.40 7.23 -4.35
CA LYS A 294 20.51 7.50 -2.93
C LYS A 294 19.16 7.79 -2.31
N LYS A 295 18.26 8.44 -3.05
CA LYS A 295 16.89 8.59 -2.57
C LYS A 295 16.26 7.23 -2.35
N LEU A 296 16.40 6.34 -3.33
CA LEU A 296 15.87 4.99 -3.17
C LEU A 296 16.55 4.30 -2.01
N LEU A 297 17.82 4.61 -1.77
CA LEU A 297 18.51 3.98 -0.65
C LEU A 297 17.86 4.37 0.66
N ASP A 298 17.47 5.63 0.80
CA ASP A 298 16.77 6.07 1.99
C ASP A 298 15.52 5.24 2.21
N ARG A 299 14.69 5.12 1.17
CA ARG A 299 13.45 4.36 1.30
C ARG A 299 13.74 2.94 1.73
N PHE A 300 14.90 2.43 1.36
CA PHE A 300 15.27 1.08 1.75
C PHE A 300 15.53 1.03 3.26
N LEU A 301 16.39 1.91 3.74
CA LEU A 301 16.70 1.95 5.17
C LEU A 301 15.42 2.17 5.98
N ALA A 302 14.51 3.01 5.50
CA ALA A 302 13.25 3.21 6.18
C ALA A 302 12.51 1.89 6.34
N VAL A 303 12.48 1.07 5.29
CA VAL A 303 11.83 -0.22 5.43
C VAL A 303 12.58 -1.08 6.44
N GLN A 304 13.91 -0.99 6.41
CA GLN A 304 14.73 -1.79 7.32
C GLN A 304 14.44 -1.45 8.77
N SER A 305 14.30 -0.16 9.07
CA SER A 305 13.85 0.25 10.40
C SER A 305 12.54 -0.41 10.75
N ASN A 306 11.49 -0.07 10.00
CA ASN A 306 10.15 -0.58 10.22
C ASN A 306 10.22 -2.07 10.54
N LEU A 307 11.03 -2.80 9.78
CA LEU A 307 11.09 -4.23 10.03
C LEU A 307 11.73 -4.56 11.38
N THR A 308 12.77 -3.81 11.81
CA THR A 308 13.34 -4.14 13.11
C THR A 308 12.37 -3.77 14.23
N THR A 309 11.69 -2.63 14.08
CA THR A 309 10.65 -2.23 15.02
C THR A 309 9.60 -3.33 15.17
N LEU A 310 8.96 -3.69 14.08
CA LEU A 310 8.03 -4.82 14.10
C LEU A 310 8.69 -6.06 14.71
N ARG A 311 10.00 -6.27 14.47
CA ARG A 311 10.66 -7.49 14.94
C ARG A 311 10.59 -7.63 16.45
N GLY A 312 10.55 -6.52 17.17
CA GLY A 312 10.43 -6.54 18.62
C GLY A 312 9.04 -6.85 19.17
N ILE A 313 8.03 -6.18 18.62
CA ILE A 313 6.66 -6.42 19.05
C ILE A 313 6.15 -7.75 18.48
N ALA A 314 6.58 -8.11 17.27
CA ALA A 314 6.10 -9.31 16.59
C ALA A 314 7.16 -10.38 16.45
N SER A 315 8.21 -10.32 17.27
CA SER A 315 9.12 -11.44 17.35
C SER A 315 8.28 -12.67 17.59
N GLY A 316 8.47 -13.69 16.75
CA GLY A 316 7.72 -14.92 16.87
C GLY A 316 6.41 -14.90 16.10
N MET A 317 5.90 -13.73 15.78
CA MET A 317 4.78 -13.66 14.85
C MET A 317 5.29 -14.20 13.53
N SER A 318 4.82 -15.38 13.16
CA SER A 318 5.29 -16.01 11.94
C SER A 318 5.28 -15.01 10.77
N PHE A 319 4.09 -14.53 10.39
CA PHE A 319 4.03 -13.65 9.21
C PHE A 319 5.20 -12.67 9.18
N PHE A 320 5.60 -12.11 10.35
CA PHE A 320 6.68 -11.13 10.30
C PHE A 320 8.01 -11.81 10.01
N ASP A 321 8.21 -13.00 10.58
CA ASP A 321 9.44 -13.71 10.33
C ASP A 321 9.57 -13.96 8.83
N GLN A 322 8.47 -14.41 8.22
CA GLN A 322 8.50 -14.67 6.79
C GLN A 322 8.66 -13.37 6.01
N ALA A 323 8.01 -12.31 6.45
CA ALA A 323 8.12 -11.06 5.73
C ALA A 323 9.55 -10.58 5.75
N ALA A 324 10.19 -10.61 6.89
CA ALA A 324 11.60 -10.21 6.94
C ALA A 324 12.44 -11.20 6.17
N GLY A 325 12.08 -12.47 6.20
CA GLY A 325 12.84 -13.42 5.44
C GLY A 325 12.73 -13.14 3.96
N ALA A 326 11.56 -12.78 3.49
CA ALA A 326 11.48 -12.39 2.08
C ALA A 326 12.04 -10.99 1.82
N LEU A 327 11.58 -9.98 2.55
CA LEU A 327 12.00 -8.60 2.26
C LEU A 327 13.51 -8.43 2.24
N LEU A 328 14.18 -8.57 3.45
CA LEU A 328 15.57 -8.18 3.49
C LEU A 328 16.58 -8.68 2.45
N PRO A 329 16.52 -9.94 2.05
CA PRO A 329 17.43 -10.33 0.98
C PRO A 329 17.15 -9.55 -0.31
N ILE A 330 15.88 -9.31 -0.61
CA ILE A 330 15.58 -8.47 -1.76
C ILE A 330 16.27 -7.12 -1.63
N ILE A 331 15.95 -6.36 -0.58
CA ILE A 331 16.55 -5.03 -0.43
C ILE A 331 18.06 -5.09 -0.56
N ASP A 332 18.69 -6.12 -0.01
CA ASP A 332 20.14 -6.20 -0.10
C ASP A 332 20.59 -6.29 -1.55
N GLY A 333 20.05 -7.26 -2.29
CA GLY A 333 20.33 -7.35 -3.70
C GLY A 333 20.12 -6.03 -4.41
N MET A 334 19.00 -5.36 -4.13
CA MET A 334 18.70 -4.15 -4.87
C MET A 334 19.67 -3.02 -4.54
N LYS A 335 20.14 -2.94 -3.30
CA LYS A 335 21.07 -1.86 -2.97
C LYS A 335 22.29 -1.93 -3.86
N LYS A 336 22.82 -3.14 -4.04
CA LYS A 336 24.01 -3.34 -4.87
C LYS A 336 23.69 -3.20 -6.34
N ASP A 337 22.64 -3.92 -6.78
CA ASP A 337 22.16 -3.82 -8.15
C ASP A 337 21.98 -2.36 -8.56
N GLY A 338 21.52 -1.53 -7.64
CA GLY A 338 21.33 -0.14 -7.99
C GLY A 338 22.63 0.58 -8.26
N LEU A 339 23.63 0.33 -7.43
CA LEU A 339 24.96 0.88 -7.71
C LEU A 339 25.46 0.45 -9.08
N ALA A 340 25.53 -0.87 -9.28
CA ALA A 340 25.90 -1.42 -10.58
C ALA A 340 25.21 -0.68 -11.72
N LEU A 341 23.88 -0.56 -11.64
CA LEU A 341 23.12 0.03 -12.74
C LEU A 341 23.51 1.48 -12.95
N VAL A 342 23.60 2.27 -11.88
CA VAL A 342 24.09 3.64 -12.04
C VAL A 342 25.39 3.64 -12.84
N GLU A 343 26.31 2.74 -12.48
CA GLU A 343 27.61 2.70 -13.13
C GLU A 343 27.50 2.32 -14.60
N ILE A 344 27.00 1.12 -14.87
CA ILE A 344 26.87 0.65 -16.25
C ILE A 344 26.14 1.68 -17.09
N THR A 345 25.09 2.30 -16.53
CA THR A 345 24.34 3.30 -17.27
C THR A 345 25.22 4.47 -17.64
N ASP A 346 26.10 4.88 -16.72
CA ASP A 346 27.00 5.99 -16.99
C ASP A 346 28.03 5.60 -18.04
N LYS A 347 28.63 4.43 -17.89
CA LYS A 347 29.53 3.95 -18.92
C LYS A 347 28.81 3.89 -20.26
N ARG A 348 27.60 3.32 -20.27
CA ARG A 348 26.91 3.15 -21.54
C ARG A 348 26.80 4.49 -22.24
N THR A 349 26.35 5.51 -21.52
CA THR A 349 26.12 6.81 -22.14
C THR A 349 27.42 7.44 -22.62
N VAL A 350 28.49 7.33 -21.82
CA VAL A 350 29.75 7.98 -22.21
C VAL A 350 30.35 7.28 -23.41
N GLU A 351 30.36 5.95 -23.41
CA GLU A 351 30.94 5.18 -24.51
C GLU A 351 30.14 5.38 -25.78
N PHE A 352 28.81 5.32 -25.67
CA PHE A 352 27.92 5.62 -26.78
C PHE A 352 28.12 7.05 -27.26
N GLU A 353 28.58 7.93 -26.38
CA GLU A 353 28.91 9.30 -26.78
C GLU A 353 30.19 9.32 -27.62
N ALA A 354 31.28 8.79 -27.05
CA ALA A 354 32.54 8.76 -27.76
C ALA A 354 32.42 7.99 -29.07
N ALA A 355 31.70 6.88 -29.05
CA ALA A 355 31.47 6.12 -30.28
C ALA A 355 30.94 7.03 -31.38
N GLY A 356 29.86 7.76 -31.08
CA GLY A 356 29.36 8.73 -32.02
C GLY A 356 30.38 9.78 -32.39
N ALA A 357 31.18 10.20 -31.41
CA ALA A 357 32.26 11.12 -31.71
C ALA A 357 33.21 10.54 -32.75
N ALA A 358 33.54 9.25 -32.60
CA ALA A 358 34.43 8.62 -33.57
C ALA A 358 33.82 8.63 -34.96
N ILE A 359 32.50 8.41 -35.06
CA ILE A 359 31.85 8.41 -36.37
C ILE A 359 31.68 9.80 -36.92
N ASN A 360 32.10 10.83 -36.19
CA ASN A 360 32.10 12.20 -36.66
C ASN A 360 33.50 12.70 -37.00
N GLU A 361 34.51 12.28 -36.24
CA GLU A 361 35.88 12.57 -36.64
C GLU A 361 36.18 11.94 -37.98
N ILE A 362 35.63 10.74 -38.23
CA ILE A 362 35.89 10.04 -39.48
C ILE A 362 35.21 10.74 -40.63
N TRP A 363 33.96 11.18 -40.44
CA TRP A 363 33.30 11.97 -41.47
C TRP A 363 34.06 13.25 -41.72
N SER A 364 34.46 13.94 -40.64
CA SER A 364 35.25 15.16 -40.81
C SER A 364 36.51 14.88 -41.60
N ASP A 365 37.24 13.82 -41.20
CA ASP A 365 38.48 13.49 -41.88
C ASP A 365 38.21 13.18 -43.34
N LEU A 366 37.28 12.25 -43.60
CA LEU A 366 37.00 11.81 -44.98
C LEU A 366 36.30 12.89 -45.80
N THR A 367 35.44 13.73 -45.21
CA THR A 367 35.05 14.90 -45.98
C THR A 367 36.31 15.57 -46.50
N GLY A 368 37.32 15.60 -45.62
CA GLY A 368 38.62 16.14 -45.96
C GLY A 368 39.19 15.72 -47.31
N PHE A 369 39.19 14.45 -47.61
CA PHE A 369 39.98 14.03 -48.74
C PHE A 369 39.25 14.49 -49.96
N ALA A 370 37.94 14.39 -49.83
CA ALA A 370 37.08 14.86 -50.88
C ALA A 370 37.27 16.35 -51.08
N GLU A 371 37.34 17.15 -50.00
CA GLU A 371 37.75 18.54 -50.15
C GLU A 371 39.06 18.64 -50.92
N GLN A 372 40.02 17.79 -50.57
CA GLN A 372 41.29 17.74 -51.29
C GLN A 372 41.10 17.22 -52.71
N GLN A 373 40.06 16.44 -52.97
CA GLN A 373 39.81 15.90 -54.29
C GLN A 373 40.98 15.04 -54.73
#